data_3HVJ
#
_entry.id   3HVJ
#
_cell.length_a   55.346
_cell.length_b   61.414
_cell.length_c   132.500
_cell.angle_alpha   90.00
_cell.angle_beta   90.00
_cell.angle_gamma   90.00
#
_symmetry.space_group_name_H-M   'P 21 21 21'
#
loop_
_entity.id
_entity.type
_entity.pdbx_description
1 polymer 'Catechol O-methyltransferase'
2 non-polymer N-[(E)-3-[(2R,3S,4R,5R)-3,4-dihydroxy-5-(6-propylaminopurin-9-yl)oxolan-2-yl]prop-2-enyl]-5-(4-fluorophenyl)-2,3-dihydroxy-benzamide
3 non-polymer 'MAGNESIUM ION'
4 non-polymer 'CHLORIDE ION'
5 non-polymer 2-[BIS-(2-HYDROXY-ETHYL)-AMINO]-2-HYDROXYMETHYL-PROPANE-1,3-DIOL
6 water water
#
_entity_poly.entity_id   1
_entity_poly.type   'polypeptide(L)'
_entity_poly.pdbx_seq_one_letter_code
;MGDTKEQRILRYVQQNAKPGDPQSVLEAIDTYCTQKEWAMNVGDAKGQIMDAVIREYSPSLVLELGAYCGYSAVRMARLL
QPGARLLTMEMNPDYAAITQQMLNFAGLQDKVTILNGASQDLIPQLKKKYDVDTLDMVFLDHWKDRYLPDTLLLEKCGLL
RKGTVLLADNVIVPGTPDFLAYVRGSSSFECTHYSSYLEYMKVVDGLEKAIYQGPSSPDKS
;
_entity_poly.pdbx_strand_id   A,B
#
loop_
_chem_comp.id
_chem_comp.type
_chem_comp.name
_chem_comp.formula
705 non-polymer N-[(E)-3-[(2R,3S,4R,5R)-3,4-dihydroxy-5-(6-propylaminopurin-9-yl)oxolan-2-yl]prop-2-enyl]-5-(4-fluorophenyl)-2,3-dihydroxy-benzamide 'C28 H29 F N6 O6'
BTB non-polymer 2-[BIS-(2-HYDROXY-ETHYL)-AMINO]-2-HYDROXYMETHYL-PROPANE-1,3-DIOL 'C8 H19 N O5'
CL non-polymer 'CHLORIDE ION' 'Cl -1'
MG non-polymer 'MAGNESIUM ION' 'Mg 2'
#
# COMPACT_ATOMS: atom_id res chain seq x y z
N ASP A 3 22.91 -10.09 27.99
CA ASP A 3 22.49 -9.77 26.60
C ASP A 3 21.09 -10.34 26.31
N THR A 4 20.27 -9.65 25.49
CA THR A 4 18.94 -10.14 25.12
C THR A 4 18.74 -10.14 23.62
N LYS A 5 17.73 -10.90 23.20
CA LYS A 5 17.40 -11.02 21.81
C LYS A 5 17.09 -9.62 21.22
N GLU A 6 16.33 -8.84 21.97
CA GLU A 6 15.93 -7.47 21.53
C GLU A 6 17.15 -6.55 21.35
N GLN A 7 18.14 -6.72 22.22
CA GLN A 7 19.39 -5.97 22.09
C GLN A 7 20.18 -6.38 20.87
N ARG A 8 20.23 -7.68 20.60
CA ARG A 8 20.87 -8.20 19.39
C ARG A 8 20.23 -7.67 18.08
N ILE A 9 18.91 -7.61 18.05
CA ILE A 9 18.17 -7.07 16.91
C ILE A 9 18.54 -5.60 16.66
N LEU A 10 18.56 -4.81 17.74
CA LEU A 10 18.97 -3.39 17.68
C LEU A 10 20.37 -3.24 17.13
N ARG A 11 21.27 -4.02 17.69
CA ARG A 11 22.65 -3.95 17.30
C ARG A 11 22.81 -4.32 15.84
N TYR A 12 22.03 -5.30 15.37
CA TYR A 12 22.10 -5.72 13.98
C TYR A 12 21.67 -4.57 13.08
N VAL A 13 20.59 -3.89 13.45
CA VAL A 13 20.09 -2.74 12.68
C VAL A 13 21.20 -1.65 12.70
N GLN A 14 21.73 -1.36 13.87
CA GLN A 14 22.73 -0.29 13.99
C GLN A 14 23.97 -0.56 13.15
N GLN A 15 24.30 -1.82 12.95
CA GLN A 15 25.45 -2.20 12.17
C GLN A 15 25.21 -2.33 10.69
N ASN A 16 23.98 -2.64 10.27
CA ASN A 16 23.71 -3.01 8.88
C ASN A 16 22.78 -2.11 8.10
N ALA A 17 21.77 -1.54 8.76
CA ALA A 17 20.82 -0.65 8.11
C ALA A 17 21.45 0.72 7.78
N LYS A 18 20.74 1.52 7.00
CA LYS A 18 21.18 2.86 6.64
C LYS A 18 20.54 3.86 7.57
N PRO A 19 21.35 4.69 8.26
CA PRO A 19 20.77 5.63 9.20
C PRO A 19 19.80 6.58 8.54
N GLY A 20 18.73 6.89 9.25
CA GLY A 20 17.69 7.79 8.77
C GLY A 20 16.85 7.24 7.61
N ASP A 21 16.93 5.93 7.37
CA ASP A 21 16.21 5.28 6.28
C ASP A 21 15.27 4.22 6.89
N PRO A 22 14.01 4.57 7.12
CA PRO A 22 13.12 3.65 7.84
C PRO A 22 12.96 2.31 7.14
N GLN A 23 12.85 2.33 5.82
CA GLN A 23 12.73 1.09 5.04
C GLN A 23 13.91 0.14 5.26
N SER A 24 15.13 0.68 5.32
CA SER A 24 16.30 -0.17 5.53
CA SER A 24 16.32 -0.13 5.54
C SER A 24 16.27 -0.78 6.93
N VAL A 25 15.70 -0.05 7.87
CA VAL A 25 15.51 -0.56 9.24
C VAL A 25 14.56 -1.79 9.28
N LEU A 26 13.40 -1.68 8.62
CA LEU A 26 12.47 -2.78 8.48
C LEU A 26 13.16 -3.99 7.82
N GLU A 27 13.81 -3.74 6.69
CA GLU A 27 14.54 -4.79 6.01
C GLU A 27 15.56 -5.49 6.87
N ALA A 28 16.33 -4.73 7.65
CA ALA A 28 17.38 -5.34 8.48
C ALA A 28 16.75 -6.18 9.59
N ILE A 29 15.67 -5.66 10.21
CA ILE A 29 14.97 -6.45 11.23
C ILE A 29 14.42 -7.76 10.65
N ASP A 30 13.78 -7.67 9.48
CA ASP A 30 13.27 -8.85 8.79
C ASP A 30 14.37 -9.86 8.45
N THR A 31 15.50 -9.36 7.97
CA THR A 31 16.63 -10.20 7.63
C THR A 31 17.17 -10.93 8.86
N TYR A 32 17.30 -10.21 9.97
CA TYR A 32 17.78 -10.81 11.23
C TYR A 32 16.82 -11.96 11.61
N CYS A 33 15.53 -11.66 11.58
CA CYS A 33 14.52 -12.62 12.04
C CYS A 33 14.38 -13.79 11.07
N THR A 34 14.69 -13.54 9.80
CA THR A 34 14.71 -14.57 8.77
C THR A 34 15.95 -15.43 8.84
N GLN A 35 17.09 -14.90 9.23
CA GLN A 35 18.24 -15.79 9.28
C GLN A 35 18.84 -16.07 10.65
N LYS A 36 18.22 -15.55 11.70
CA LYS A 36 18.80 -15.69 13.02
C LYS A 36 17.66 -16.02 13.96
N GLU A 37 17.33 -15.15 14.90
CA GLU A 37 16.34 -15.43 15.95
C GLU A 37 14.97 -14.91 15.57
N TRP A 38 13.95 -15.77 15.64
CA TRP A 38 12.57 -15.33 15.47
C TRP A 38 12.21 -14.28 16.52
N ALA A 39 11.45 -13.28 16.10
CA ALA A 39 10.84 -12.34 17.04
C ALA A 39 9.46 -11.90 16.55
N MET A 40 8.67 -11.47 17.52
CA MET A 40 7.25 -11.15 17.28
CA MET A 40 7.25 -11.15 17.29
C MET A 40 6.97 -9.76 16.71
N ASN A 41 7.67 -9.41 15.65
CA ASN A 41 7.35 -8.17 14.89
C ASN A 41 6.20 -8.54 13.96
N VAL A 42 5.32 -7.59 13.62
CA VAL A 42 4.23 -7.78 12.64
C VAL A 42 4.75 -8.43 11.34
N GLY A 43 5.96 -8.10 10.93
CA GLY A 43 6.64 -8.78 9.83
C GLY A 43 6.23 -8.23 8.48
N ASP A 44 6.84 -8.75 7.44
CA ASP A 44 6.68 -8.12 6.11
C ASP A 44 5.32 -8.37 5.47
N ALA A 45 4.81 -9.59 5.56
CA ALA A 45 3.49 -9.93 4.98
C ALA A 45 2.33 -9.13 5.58
N LYS A 46 2.15 -9.23 6.89
CA LYS A 46 1.15 -8.42 7.57
C LYS A 46 1.50 -6.90 7.50
N GLY A 47 2.77 -6.57 7.47
CA GLY A 47 3.17 -5.17 7.31
C GLY A 47 2.71 -4.49 6.03
N GLN A 48 2.52 -5.26 4.94
CA GLN A 48 2.02 -4.71 3.68
C GLN A 48 0.59 -4.26 3.87
N ILE A 49 -0.17 -5.04 4.64
CA ILE A 49 -1.55 -4.65 4.94
C ILE A 49 -1.64 -3.40 5.83
N MET A 50 -0.81 -3.37 6.84
CA MET A 50 -0.63 -2.21 7.69
C MET A 50 -0.32 -0.96 6.86
N ASP A 51 0.63 -1.10 5.94
CA ASP A 51 1.03 0.02 5.10
C ASP A 51 -0.21 0.53 4.33
N ALA A 52 -0.97 -0.41 3.75
CA ALA A 52 -2.11 -0.08 2.95
C ALA A 52 -3.14 0.69 3.75
N VAL A 53 -3.36 0.29 4.99
CA VAL A 53 -4.37 0.95 5.84
C VAL A 53 -3.91 2.39 6.20
N ILE A 54 -2.64 2.53 6.57
CA ILE A 54 -2.08 3.82 6.87
C ILE A 54 -2.22 4.79 5.66
N ARG A 55 -1.92 4.27 4.47
CA ARG A 55 -1.99 5.10 3.24
C ARG A 55 -3.43 5.47 2.96
N GLU A 56 -4.34 4.51 3.02
CA GLU A 56 -5.75 4.79 2.70
C GLU A 56 -6.42 5.82 3.61
N TYR A 57 -6.18 5.73 4.92
CA TYR A 57 -6.89 6.58 5.87
C TYR A 57 -6.12 7.82 6.30
N SER A 58 -4.83 7.90 5.95
CA SER A 58 -4.01 9.07 6.27
C SER A 58 -4.27 9.64 7.66
N PRO A 59 -4.06 8.82 8.73
CA PRO A 59 -4.40 9.29 10.07
C PRO A 59 -3.48 10.37 10.59
N SER A 60 -4.03 11.40 11.21
CA SER A 60 -3.19 12.44 11.80
C SER A 60 -2.68 12.01 13.16
N LEU A 61 -3.44 11.16 13.86
CA LEU A 61 -2.99 10.68 15.17
C LEU A 61 -3.22 9.20 15.30
N VAL A 62 -2.16 8.46 15.53
CA VAL A 62 -2.25 7.00 15.66
C VAL A 62 -1.80 6.60 17.06
N LEU A 63 -2.50 5.64 17.66
CA LEU A 63 -2.07 5.04 18.93
C LEU A 63 -1.66 3.60 18.69
N GLU A 64 -0.54 3.22 19.22
CA GLU A 64 -0.09 1.84 19.08
C GLU A 64 -0.03 1.26 20.49
N LEU A 65 -0.58 0.06 20.65
CA LEU A 65 -0.55 -0.63 21.94
C LEU A 65 0.48 -1.73 21.82
N GLY A 66 1.61 -1.56 22.51
CA GLY A 66 2.65 -2.57 22.47
C GLY A 66 3.79 -2.35 21.49
N ALA A 67 4.76 -1.55 21.86
CA ALA A 67 5.86 -1.19 20.91
C ALA A 67 6.86 -2.32 20.59
N TYR A 68 7.20 -3.08 21.63
CA TYR A 68 8.18 -4.15 21.56
C TYR A 68 9.54 -3.56 21.07
N CYS A 69 10.03 -3.94 19.89
CA CYS A 69 11.32 -3.43 19.35
C CYS A 69 11.14 -2.17 18.46
N GLY A 70 9.90 -1.82 18.21
CA GLY A 70 9.58 -0.59 17.45
C GLY A 70 9.38 -0.86 15.98
N TYR A 71 9.24 -2.10 15.60
CA TYR A 71 9.10 -2.41 14.19
C TYR A 71 7.86 -1.79 13.60
N SER A 72 6.74 -1.92 14.30
CA SER A 72 5.47 -1.36 13.81
C SER A 72 5.48 0.14 13.90
N ALA A 73 6.18 0.70 14.88
CA ALA A 73 6.27 2.15 15.06
C ALA A 73 6.98 2.75 13.87
N VAL A 74 8.05 2.08 13.44
CA VAL A 74 8.83 2.53 12.28
C VAL A 74 7.97 2.39 11.01
N ARG A 75 7.21 1.31 10.94
CA ARG A 75 6.46 0.99 9.75
C ARG A 75 5.30 1.97 9.51
N MET A 76 4.60 2.32 10.57
CA MET A 76 3.51 3.29 10.47
C MET A 76 4.08 4.68 10.33
N ALA A 77 5.04 5.03 11.17
CA ALA A 77 5.54 6.40 11.21
C ALA A 77 6.09 6.88 9.86
N ARG A 78 6.76 5.98 9.13
CA ARG A 78 7.45 6.30 7.90
C ARG A 78 6.44 6.69 6.83
N LEU A 79 5.17 6.26 6.99
CA LEU A 79 4.09 6.53 6.00
C LEU A 79 3.14 7.64 6.42
N LEU A 80 3.29 8.15 7.64
CA LEU A 80 2.47 9.25 8.08
C LEU A 80 2.74 10.54 7.28
N GLN A 81 1.70 11.33 7.02
CA GLN A 81 1.85 12.63 6.33
C GLN A 81 2.56 13.61 7.22
N PRO A 82 3.25 14.62 6.63
CA PRO A 82 3.94 15.57 7.52
C PRO A 82 2.95 16.17 8.54
N GLY A 83 3.43 16.44 9.76
CA GLY A 83 2.55 16.90 10.86
C GLY A 83 1.77 15.81 11.63
N ALA A 84 1.50 14.67 10.98
CA ALA A 84 0.85 13.51 11.62
C ALA A 84 1.76 12.88 12.68
N ARG A 85 1.14 12.34 13.74
CA ARG A 85 1.88 11.80 14.87
C ARG A 85 1.46 10.38 15.32
N LEU A 86 2.42 9.65 15.86
CA LEU A 86 2.19 8.31 16.44
C LEU A 86 2.50 8.34 17.93
N LEU A 87 1.59 7.78 18.74
CA LEU A 87 1.86 7.52 20.14
C LEU A 87 1.91 6.01 20.36
N THR A 88 2.97 5.53 20.99
CA THR A 88 3.15 4.12 21.25
C THR A 88 3.36 3.84 22.71
N MET A 89 2.51 2.95 23.23
CA MET A 89 2.52 2.57 24.64
C MET A 89 3.28 1.26 24.82
N GLU A 90 4.19 1.26 25.77
CA GLU A 90 5.03 0.10 26.02
C GLU A 90 5.28 0.04 27.52
N MET A 91 4.93 -1.09 28.13
CA MET A 91 5.02 -1.20 29.57
CA MET A 91 5.02 -1.22 29.57
C MET A 91 6.42 -1.64 30.02
N ASN A 92 7.18 -2.28 29.15
CA ASN A 92 8.47 -2.84 29.54
C ASN A 92 9.55 -1.78 29.26
N PRO A 93 10.22 -1.30 30.32
CA PRO A 93 11.12 -0.17 30.04
C PRO A 93 12.32 -0.55 29.20
N ASP A 94 12.74 -1.82 29.21
CA ASP A 94 13.84 -2.30 28.37
C ASP A 94 13.44 -2.20 26.91
N TYR A 95 12.23 -2.66 26.61
CA TYR A 95 11.70 -2.58 25.24
C TYR A 95 11.43 -1.14 24.79
N ALA A 96 10.95 -0.28 25.70
CA ALA A 96 10.72 1.13 25.39
C ALA A 96 12.05 1.78 24.99
N ALA A 97 13.10 1.39 25.67
CA ALA A 97 14.44 1.94 25.40
C ALA A 97 14.95 1.50 24.02
N ILE A 98 14.71 0.23 23.67
CA ILE A 98 15.02 -0.29 22.34
C ILE A 98 14.24 0.40 21.26
N THR A 99 12.93 0.53 21.45
CA THR A 99 12.09 1.23 20.51
C THR A 99 12.62 2.64 20.25
N GLN A 100 13.01 3.36 21.32
CA GLN A 100 13.51 4.74 21.15
C GLN A 100 14.78 4.79 20.29
N GLN A 101 15.68 3.85 20.52
CA GLN A 101 16.92 3.76 19.75
C GLN A 101 16.66 3.39 18.29
N MET A 102 15.66 2.51 18.05
CA MET A 102 15.23 2.13 16.70
C MET A 102 14.69 3.33 15.93
N LEU A 103 13.78 4.04 16.57
CA LEU A 103 13.19 5.23 16.01
C LEU A 103 14.24 6.32 15.73
N ASN A 104 15.14 6.54 16.70
CA ASN A 104 16.27 7.47 16.52
C ASN A 104 17.07 7.11 15.28
N PHE A 105 17.47 5.84 15.18
CA PHE A 105 18.22 5.39 14.04
C PHE A 105 17.47 5.67 12.72
N ALA A 106 16.17 5.37 12.71
CA ALA A 106 15.33 5.52 11.53
C ALA A 106 15.09 6.98 11.14
N GLY A 107 15.36 7.90 12.07
CA GLY A 107 15.17 9.32 11.86
C GLY A 107 13.75 9.75 12.07
N LEU A 108 12.96 8.90 12.73
CA LEU A 108 11.53 9.11 12.95
C LEU A 108 11.15 9.59 14.35
N GLN A 109 12.14 9.92 15.18
CA GLN A 109 11.91 10.26 16.58
C GLN A 109 10.97 11.44 16.77
N ASP A 110 10.97 12.39 15.84
CA ASP A 110 10.12 13.56 15.95
C ASP A 110 8.65 13.32 15.55
N LYS A 111 8.33 12.17 14.95
CA LYS A 111 6.94 11.79 14.60
C LYS A 111 6.30 10.85 15.64
N VAL A 112 7.12 10.32 16.54
CA VAL A 112 6.66 9.27 17.46
C VAL A 112 6.91 9.67 18.89
N THR A 113 5.91 9.49 19.76
CA THR A 113 6.13 9.61 21.21
C THR A 113 5.89 8.26 21.89
N ILE A 114 6.92 7.78 22.58
CA ILE A 114 6.80 6.56 23.38
C ILE A 114 6.22 6.91 24.74
N LEU A 115 5.13 6.27 25.08
CA LEU A 115 4.55 6.40 26.42
C LEU A 115 4.88 5.15 27.24
N ASN A 116 5.45 5.36 28.43
CA ASN A 116 5.93 4.27 29.27
C ASN A 116 4.87 3.89 30.24
N GLY A 117 4.48 2.63 30.19
CA GLY A 117 3.49 2.12 31.10
C GLY A 117 2.51 1.23 30.40
N ALA A 118 1.56 0.76 31.19
CA ALA A 118 0.57 -0.18 30.74
C ALA A 118 -0.55 0.65 30.14
N SER A 119 -1.11 0.13 29.08
CA SER A 119 -2.18 0.80 28.38
C SER A 119 -3.36 1.16 29.29
N GLN A 120 -3.76 0.24 30.16
CA GLN A 120 -4.94 0.48 31.00
C GLN A 120 -4.76 1.70 31.93
N ASP A 121 -3.51 2.06 32.21
CA ASP A 121 -3.21 3.24 33.03
C ASP A 121 -2.89 4.48 32.23
N LEU A 122 -2.36 4.31 31.02
CA LEU A 122 -2.06 5.47 30.15
C LEU A 122 -3.26 5.95 29.38
N ILE A 123 -4.12 5.03 28.92
CA ILE A 123 -5.26 5.42 28.10
C ILE A 123 -6.10 6.49 28.81
N PRO A 124 -6.43 6.30 30.10
CA PRO A 124 -7.26 7.35 30.73
C PRO A 124 -6.57 8.73 30.95
N GLN A 125 -5.24 8.80 30.78
CA GLN A 125 -4.52 10.09 30.80
C GLN A 125 -4.33 10.82 29.47
N LEU A 126 -4.76 10.20 28.37
CA LEU A 126 -4.47 10.74 27.07
C LEU A 126 -4.99 12.17 26.85
N LYS A 127 -6.20 12.44 27.28
CA LYS A 127 -6.81 13.75 27.02
C LYS A 127 -6.12 14.83 27.84
N LYS A 128 -5.99 14.61 29.14
CA LYS A 128 -5.41 15.66 29.97
C LYS A 128 -3.88 15.75 29.85
N LYS A 129 -3.17 14.63 29.93
CA LYS A 129 -1.71 14.67 30.00
C LYS A 129 -1.02 14.80 28.66
N TYR A 130 -1.64 14.29 27.59
CA TYR A 130 -0.99 14.25 26.27
C TYR A 130 -1.78 15.01 25.21
N ASP A 131 -2.77 15.76 25.65
CA ASP A 131 -3.52 16.70 24.80
C ASP A 131 -4.13 16.03 23.56
N VAL A 132 -4.82 14.91 23.79
CA VAL A 132 -5.47 14.17 22.72
C VAL A 132 -6.94 14.54 22.75
N ASP A 133 -7.53 14.78 21.57
CA ASP A 133 -8.99 14.90 21.46
C ASP A 133 -9.55 13.52 21.12
N THR A 134 -9.40 13.11 19.87
CA THR A 134 -9.75 11.75 19.47
C THR A 134 -8.64 11.13 18.63
N LEU A 135 -8.62 9.80 18.56
CA LEU A 135 -7.63 9.06 17.78
C LEU A 135 -8.21 8.78 16.42
N ASP A 136 -7.39 8.82 15.39
CA ASP A 136 -7.83 8.49 14.05
C ASP A 136 -7.62 7.00 13.75
N MET A 137 -6.61 6.41 14.40
CA MET A 137 -6.26 5.00 14.23
C MET A 137 -5.66 4.42 15.50
N VAL A 138 -5.99 3.16 15.76
CA VAL A 138 -5.34 2.42 16.84
C VAL A 138 -4.81 1.10 16.27
N PHE A 139 -3.55 0.77 16.58
CA PHE A 139 -2.96 -0.53 16.21
C PHE A 139 -2.78 -1.31 17.48
N LEU A 140 -3.40 -2.49 17.55
CA LEU A 140 -3.34 -3.38 18.74
C LEU A 140 -2.43 -4.54 18.49
N ASP A 141 -1.41 -4.68 19.33
CA ASP A 141 -0.41 -5.72 19.13
C ASP A 141 0.29 -6.05 20.43
N HIS A 142 -0.42 -5.86 21.54
CA HIS A 142 0.11 -6.20 22.86
C HIS A 142 -0.43 -7.54 23.36
N TRP A 143 -0.58 -7.73 24.69
CA TRP A 143 -1.06 -9.03 25.17
CA TRP A 143 -1.06 -9.02 25.18
C TRP A 143 -2.48 -9.23 24.62
N LYS A 144 -2.71 -10.39 24.07
CA LYS A 144 -3.94 -10.71 23.33
C LYS A 144 -5.24 -10.68 24.13
N ASP A 145 -5.17 -10.96 25.44
CA ASP A 145 -6.38 -10.90 26.24
C ASP A 145 -6.72 -9.50 26.65
N ARG A 146 -5.88 -8.53 26.29
CA ARG A 146 -6.14 -7.13 26.58
C ARG A 146 -6.70 -6.33 25.42
N TYR A 147 -6.82 -6.92 24.22
CA TYR A 147 -7.42 -6.19 23.08
C TYR A 147 -8.85 -5.77 23.44
N LEU A 148 -9.66 -6.70 23.96
CA LEU A 148 -11.07 -6.36 24.21
C LEU A 148 -11.19 -5.31 25.33
N PRO A 149 -10.56 -5.53 26.48
CA PRO A 149 -10.66 -4.54 27.56
C PRO A 149 -10.19 -3.14 27.18
N ASP A 150 -9.07 -3.07 26.48
CA ASP A 150 -8.55 -1.78 26.05
C ASP A 150 -9.47 -1.11 25.03
N THR A 151 -10.11 -1.89 24.15
CA THR A 151 -11.06 -1.31 23.21
C THR A 151 -12.22 -0.68 24.00
N LEU A 152 -12.73 -1.40 24.99
CA LEU A 152 -13.82 -0.85 25.81
C LEU A 152 -13.38 0.40 26.59
N LEU A 153 -12.16 0.37 27.10
CA LEU A 153 -11.61 1.53 27.82
C LEU A 153 -11.47 2.76 26.89
N LEU A 154 -10.92 2.57 25.67
CA LEU A 154 -10.86 3.66 24.66
C LEU A 154 -12.21 4.27 24.38
N GLU A 155 -13.24 3.44 24.26
CA GLU A 155 -14.64 3.90 24.07
C GLU A 155 -15.11 4.71 25.25
N LYS A 156 -14.94 4.13 26.44
CA LYS A 156 -15.39 4.75 27.67
C LYS A 156 -14.78 6.14 27.91
N CYS A 157 -13.51 6.28 27.51
CA CYS A 157 -12.77 7.51 27.64
C CYS A 157 -13.05 8.54 26.54
N GLY A 158 -13.85 8.18 25.55
CA GLY A 158 -14.24 9.15 24.51
C GLY A 158 -13.12 9.44 23.52
N LEU A 159 -12.27 8.43 23.30
CA LEU A 159 -11.09 8.60 22.43
C LEU A 159 -11.32 8.13 21.00
N LEU A 160 -12.44 7.47 20.76
CA LEU A 160 -12.81 7.02 19.43
C LEU A 160 -13.87 7.98 18.88
N ARG A 161 -13.76 8.23 17.60
CA ARG A 161 -14.77 8.99 16.91
C ARG A 161 -15.27 8.16 15.73
N LYS A 162 -16.32 8.63 15.10
CA LYS A 162 -16.83 7.94 13.95
C LYS A 162 -15.74 7.89 12.86
N GLY A 163 -15.41 6.68 12.42
CA GLY A 163 -14.41 6.48 11.37
C GLY A 163 -13.03 6.16 11.90
N THR A 164 -12.89 6.16 13.22
CA THR A 164 -11.63 5.74 13.83
C THR A 164 -11.39 4.29 13.43
N VAL A 165 -10.18 3.99 12.94
CA VAL A 165 -9.83 2.68 12.41
C VAL A 165 -9.09 1.92 13.51
N LEU A 166 -9.61 0.78 13.97
CA LEU A 166 -8.80 -0.11 14.82
C LEU A 166 -8.22 -1.17 13.89
N LEU A 167 -6.92 -1.44 14.07
CA LEU A 167 -6.26 -2.50 13.29
C LEU A 167 -5.61 -3.40 14.31
N ALA A 168 -6.00 -4.67 14.33
CA ALA A 168 -5.56 -5.64 15.34
C ALA A 168 -4.76 -6.80 14.75
N ASP A 169 -3.55 -7.03 15.26
CA ASP A 169 -2.68 -8.10 14.88
C ASP A 169 -3.05 -9.40 15.56
N ASN A 170 -2.67 -10.50 14.94
CA ASN A 170 -2.73 -11.81 15.59
C ASN A 170 -4.15 -12.24 15.96
N VAL A 171 -5.15 -11.84 15.17
CA VAL A 171 -6.55 -12.24 15.51
C VAL A 171 -6.79 -13.73 15.25
N ILE A 172 -5.88 -14.39 14.54
CA ILE A 172 -5.96 -15.86 14.39
C ILE A 172 -4.92 -16.62 15.24
N VAL A 173 -3.69 -16.16 15.21
CA VAL A 173 -2.58 -16.78 15.92
C VAL A 173 -1.72 -15.69 16.57
N PRO A 174 -1.60 -15.70 17.91
CA PRO A 174 -2.24 -16.66 18.82
C PRO A 174 -3.77 -16.64 18.90
N GLY A 175 -4.40 -15.58 18.37
CA GLY A 175 -5.86 -15.44 18.39
C GLY A 175 -6.41 -14.47 19.42
N THR A 176 -7.44 -13.73 19.04
CA THR A 176 -8.17 -12.78 19.91
C THR A 176 -9.66 -13.01 19.73
N PRO A 177 -10.14 -14.20 20.12
CA PRO A 177 -11.49 -14.63 19.88
C PRO A 177 -12.48 -13.69 20.53
N ASP A 178 -12.19 -13.24 21.75
CA ASP A 178 -13.09 -12.32 22.45
C ASP A 178 -13.19 -10.96 21.75
N PHE A 179 -12.04 -10.43 21.36
CA PHE A 179 -12.03 -9.17 20.61
C PHE A 179 -12.87 -9.27 19.34
N LEU A 180 -12.67 -10.33 18.58
CA LEU A 180 -13.40 -10.54 17.31
C LEU A 180 -14.91 -10.65 17.54
N ALA A 181 -15.32 -11.46 18.52
CA ALA A 181 -16.73 -11.61 18.87
C ALA A 181 -17.33 -10.25 19.17
N TYR A 182 -16.60 -9.40 19.86
CA TYR A 182 -17.08 -8.07 20.19
C TYR A 182 -17.20 -7.08 19.00
N VAL A 183 -16.11 -6.80 18.28
CA VAL A 183 -16.17 -5.86 17.15
C VAL A 183 -17.08 -6.39 16.02
N ARG A 184 -17.06 -7.69 15.76
CA ARG A 184 -17.95 -8.21 14.73
C ARG A 184 -19.42 -8.25 15.15
N GLY A 185 -19.69 -8.49 16.43
CA GLY A 185 -21.07 -8.48 16.95
C GLY A 185 -21.64 -7.10 17.23
N SER A 186 -20.79 -6.13 17.58
CA SER A 186 -21.25 -4.81 17.97
C SER A 186 -21.66 -3.94 16.77
N SER A 187 -22.80 -3.27 16.92
CA SER A 187 -23.23 -2.26 15.94
C SER A 187 -22.26 -1.06 15.90
N SER A 188 -21.39 -0.93 16.89
CA SER A 188 -20.43 0.17 16.94
C SER A 188 -19.20 -0.03 16.04
N PHE A 189 -19.03 -1.18 15.41
CA PHE A 189 -17.89 -1.35 14.49
C PHE A 189 -18.33 -1.99 13.21
N GLU A 190 -17.73 -1.55 12.11
CA GLU A 190 -17.79 -2.28 10.83
C GLU A 190 -16.40 -2.87 10.55
N CYS A 191 -16.38 -4.18 10.33
CA CYS A 191 -15.15 -4.97 10.39
C CYS A 191 -14.79 -5.57 9.02
N THR A 192 -13.49 -5.67 8.76
CA THR A 192 -12.98 -6.31 7.55
C THR A 192 -11.80 -7.19 7.98
N HIS A 193 -11.79 -8.48 7.61
CA HIS A 193 -10.70 -9.39 7.97
C HIS A 193 -9.67 -9.47 6.83
N TYR A 194 -8.39 -9.42 7.20
CA TYR A 194 -7.26 -9.49 6.26
C TYR A 194 -6.40 -10.74 6.53
N SER A 195 -6.63 -11.79 5.75
CA SER A 195 -5.90 -13.04 5.96
C SER A 195 -4.51 -12.86 5.39
N SER A 196 -3.50 -13.29 6.14
CA SER A 196 -2.11 -13.16 5.72
C SER A 196 -1.38 -14.30 6.37
N TYR A 197 -0.16 -14.03 6.81
CA TYR A 197 0.69 -15.01 7.39
C TYR A 197 1.40 -14.45 8.62
N LEU A 198 1.62 -15.32 9.59
CA LEU A 198 2.45 -14.98 10.71
C LEU A 198 3.84 -14.55 10.23
N GLU A 199 4.39 -13.55 10.93
CA GLU A 199 5.71 -13.03 10.69
C GLU A 199 6.79 -14.15 10.59
N TYR A 200 7.48 -14.15 9.46
CA TYR A 200 8.64 -14.95 9.22
C TYR A 200 8.36 -16.43 9.07
N MET A 201 7.10 -16.79 8.87
CA MET A 201 6.75 -18.17 8.52
C MET A 201 5.46 -18.22 7.71
N LYS A 202 4.93 -19.41 7.45
CA LYS A 202 3.79 -19.59 6.56
C LYS A 202 2.55 -20.07 7.34
N VAL A 203 2.49 -19.79 8.61
CA VAL A 203 1.33 -20.13 9.43
C VAL A 203 0.28 -19.06 9.12
N VAL A 204 -0.97 -19.44 8.97
CA VAL A 204 -1.97 -18.45 8.64
C VAL A 204 -2.27 -17.60 9.86
N ASP A 205 -2.22 -16.28 9.69
CA ASP A 205 -2.71 -15.34 10.67
C ASP A 205 -3.47 -14.25 9.93
N GLY A 206 -4.01 -13.31 10.65
CA GLY A 206 -4.63 -12.19 10.03
C GLY A 206 -4.71 -10.97 10.90
N LEU A 207 -5.06 -9.86 10.26
CA LEU A 207 -5.40 -8.64 10.95
C LEU A 207 -6.91 -8.43 10.83
N GLU A 208 -7.48 -7.78 11.81
CA GLU A 208 -8.87 -7.33 11.72
C GLU A 208 -8.86 -5.80 11.69
N LYS A 209 -9.59 -5.24 10.73
CA LYS A 209 -9.81 -3.82 10.67
C LYS A 209 -11.23 -3.58 11.16
N ALA A 210 -11.37 -2.75 12.20
CA ALA A 210 -12.68 -2.48 12.82
C ALA A 210 -12.82 -0.97 12.93
N ILE A 211 -13.76 -0.44 12.16
CA ILE A 211 -14.02 0.99 12.08
C ILE A 211 -15.18 1.38 13.00
N TYR A 212 -14.89 2.29 13.91
CA TYR A 212 -15.83 2.73 14.90
C TYR A 212 -16.87 3.61 14.24
N GLN A 213 -18.13 3.34 14.57
CA GLN A 213 -19.28 4.00 13.92
C GLN A 213 -19.90 5.08 14.79
N GLY A 214 -19.40 5.25 16.02
CA GLY A 214 -20.14 5.97 17.10
C GLY A 214 -20.99 4.98 17.93
N PRO A 215 -21.56 5.43 19.07
CA PRO A 215 -22.37 4.56 19.97
C PRO A 215 -23.81 4.36 19.51
N GLY B 2 -1.40 -26.44 -25.25
CA GLY B 2 -1.83 -26.40 -23.83
C GLY B 2 -2.18 -24.97 -23.48
N ASP B 3 -2.48 -24.72 -22.21
CA ASP B 3 -2.89 -23.38 -21.83
C ASP B 3 -1.73 -22.51 -21.41
N THR B 4 -1.99 -21.20 -21.38
CA THR B 4 -1.00 -20.19 -21.05
C THR B 4 -1.09 -19.72 -19.59
N LYS B 5 -0.01 -19.10 -19.13
CA LYS B 5 0.00 -18.52 -17.79
C LYS B 5 -1.14 -17.52 -17.58
N GLU B 6 -1.35 -16.68 -18.59
CA GLU B 6 -2.38 -15.63 -18.48
C GLU B 6 -3.78 -16.24 -18.37
N GLN B 7 -4.05 -17.30 -19.15
CA GLN B 7 -5.34 -18.03 -19.00
C GLN B 7 -5.43 -18.68 -17.63
N ARG B 8 -4.31 -19.17 -17.08
CA ARG B 8 -4.35 -19.73 -15.72
C ARG B 8 -4.66 -18.70 -14.64
N ILE B 9 -4.08 -17.51 -14.79
CA ILE B 9 -4.38 -16.42 -13.86
C ILE B 9 -5.87 -16.07 -13.94
N LEU B 10 -6.43 -15.94 -15.15
CA LEU B 10 -7.83 -15.57 -15.28
C LEU B 10 -8.66 -16.63 -14.63
N ARG B 11 -8.28 -17.88 -14.83
CA ARG B 11 -9.14 -18.95 -14.36
C ARG B 11 -9.08 -19.00 -12.84
N TYR B 12 -7.91 -18.77 -12.26
CA TYR B 12 -7.82 -18.72 -10.81
C TYR B 12 -8.71 -17.58 -10.20
N VAL B 13 -8.65 -16.39 -10.78
CA VAL B 13 -9.56 -15.31 -10.38
C VAL B 13 -11.04 -15.74 -10.49
N GLN B 14 -11.40 -16.31 -11.63
CA GLN B 14 -12.81 -16.71 -11.84
C GLN B 14 -13.25 -17.73 -10.81
N GLN B 15 -12.34 -18.60 -10.39
CA GLN B 15 -12.69 -19.65 -9.43
C GLN B 15 -12.75 -19.16 -7.99
N ASN B 16 -11.94 -18.15 -7.64
CA ASN B 16 -11.69 -17.80 -6.23
C ASN B 16 -12.11 -16.39 -5.79
N ALA B 17 -12.01 -15.44 -6.71
CA ALA B 17 -12.41 -14.06 -6.43
C ALA B 17 -13.92 -13.93 -6.39
N LYS B 18 -14.38 -12.94 -5.64
CA LYS B 18 -15.80 -12.60 -5.62
C LYS B 18 -16.22 -11.77 -6.84
N PRO B 19 -17.24 -12.26 -7.61
CA PRO B 19 -17.79 -11.47 -8.72
C PRO B 19 -18.21 -10.09 -8.28
N GLY B 20 -17.87 -9.09 -9.09
CA GLY B 20 -18.17 -7.68 -8.78
C GLY B 20 -17.30 -6.97 -7.75
N ASP B 21 -16.20 -7.60 -7.29
CA ASP B 21 -15.41 -7.05 -6.18
C ASP B 21 -13.99 -6.78 -6.66
N PRO B 22 -13.71 -5.53 -7.10
CA PRO B 22 -12.38 -5.37 -7.70
C PRO B 22 -11.24 -5.76 -6.73
N GLN B 23 -11.40 -5.42 -5.46
CA GLN B 23 -10.37 -5.71 -4.46
C GLN B 23 -10.10 -7.21 -4.36
N SER B 24 -11.16 -7.98 -4.48
CA SER B 24 -11.06 -9.44 -4.42
C SER B 24 -10.29 -9.95 -5.61
N VAL B 25 -10.56 -9.37 -6.76
CA VAL B 25 -9.88 -9.72 -8.02
C VAL B 25 -8.39 -9.40 -7.90
N LEU B 26 -8.03 -8.23 -7.38
CA LEU B 26 -6.61 -7.88 -7.25
C LEU B 26 -5.88 -8.85 -6.34
N GLU B 27 -6.50 -9.15 -5.21
CA GLU B 27 -5.91 -10.03 -4.24
C GLU B 27 -5.73 -11.40 -4.81
N ALA B 28 -6.70 -11.87 -5.61
CA ALA B 28 -6.62 -13.19 -6.17
C ALA B 28 -5.44 -13.31 -7.16
N ILE B 29 -5.24 -12.26 -7.95
CA ILE B 29 -4.13 -12.23 -8.90
C ILE B 29 -2.79 -12.27 -8.18
N ASP B 30 -2.66 -11.40 -7.18
CA ASP B 30 -1.43 -11.31 -6.40
C ASP B 30 -1.17 -12.62 -5.62
N THR B 31 -2.23 -13.22 -5.10
CA THR B 31 -2.06 -14.52 -4.41
C THR B 31 -1.54 -15.63 -5.35
N TYR B 32 -2.12 -15.73 -6.53
CA TYR B 32 -1.71 -16.72 -7.49
C TYR B 32 -0.29 -16.44 -7.94
N CYS B 33 0.01 -15.16 -8.18
CA CYS B 33 1.32 -14.86 -8.73
C CYS B 33 2.40 -14.98 -7.68
N THR B 34 2.05 -14.86 -6.41
CA THR B 34 3.02 -15.03 -5.32
C THR B 34 3.28 -16.53 -5.00
N GLN B 35 2.25 -17.35 -5.08
CA GLN B 35 2.36 -18.74 -4.64
C GLN B 35 2.55 -19.73 -5.76
N LYS B 36 1.99 -19.46 -6.94
CA LYS B 36 2.06 -20.43 -8.01
C LYS B 36 2.96 -20.02 -9.16
N GLU B 37 2.78 -18.82 -9.68
CA GLU B 37 3.42 -18.47 -10.96
C GLU B 37 3.68 -16.98 -11.05
N TRP B 38 4.94 -16.55 -11.00
CA TRP B 38 5.24 -15.10 -11.21
C TRP B 38 4.70 -14.58 -12.53
N ALA B 39 4.26 -13.33 -12.50
CA ALA B 39 3.84 -12.63 -13.69
C ALA B 39 4.06 -11.14 -13.52
N MET B 40 4.28 -10.45 -14.62
CA MET B 40 4.65 -9.01 -14.62
C MET B 40 3.45 -8.05 -14.37
N ASN B 41 2.65 -8.35 -13.38
CA ASN B 41 1.67 -7.41 -12.84
C ASN B 41 2.40 -6.46 -11.91
N VAL B 42 1.88 -5.25 -11.73
CA VAL B 42 2.54 -4.28 -10.87
C VAL B 42 2.72 -4.81 -9.42
N GLY B 43 1.75 -5.58 -8.94
CA GLY B 43 1.81 -6.14 -7.61
C GLY B 43 1.34 -5.15 -6.56
N ASP B 44 1.11 -5.66 -5.36
CA ASP B 44 0.50 -4.83 -4.35
C ASP B 44 1.43 -3.70 -3.82
N ALA B 45 2.71 -3.97 -3.68
CA ALA B 45 3.63 -2.98 -3.09
C ALA B 45 3.71 -1.72 -3.96
N LYS B 46 3.89 -1.89 -5.26
CA LYS B 46 3.89 -0.76 -6.17
C LYS B 46 2.45 -0.27 -6.38
N GLY B 47 1.51 -1.19 -6.28
CA GLY B 47 0.08 -0.87 -6.47
C GLY B 47 -0.41 0.13 -5.43
N GLN B 48 0.14 0.09 -4.23
CA GLN B 48 -0.18 1.09 -3.21
C GLN B 48 0.24 2.51 -3.67
N ILE B 49 1.38 2.62 -4.35
CA ILE B 49 1.81 3.93 -4.87
C ILE B 49 0.83 4.42 -5.95
N MET B 50 0.42 3.47 -6.81
CA MET B 50 -0.54 3.73 -7.84
C MET B 50 -1.80 4.28 -7.20
N ASP B 51 -2.30 3.55 -6.20
CA ASP B 51 -3.50 3.97 -5.47
C ASP B 51 -3.37 5.41 -4.93
N ALA B 52 -2.21 5.71 -4.35
CA ALA B 52 -1.94 7.01 -3.76
C ALA B 52 -2.03 8.13 -4.80
N VAL B 53 -1.47 7.89 -5.97
CA VAL B 53 -1.50 8.85 -7.08
C VAL B 53 -2.90 9.12 -7.56
N ILE B 54 -3.67 8.05 -7.82
CA ILE B 54 -5.08 8.17 -8.25
C ILE B 54 -5.88 8.96 -7.21
N ARG B 55 -5.67 8.66 -5.94
CA ARG B 55 -6.46 9.33 -4.91
C ARG B 55 -6.11 10.82 -4.82
N GLU B 56 -4.83 11.14 -5.02
CA GLU B 56 -4.37 12.51 -4.89
C GLU B 56 -4.89 13.39 -6.03
N TYR B 57 -4.82 12.88 -7.26
CA TYR B 57 -5.21 13.66 -8.44
C TYR B 57 -6.63 13.44 -8.94
N SER B 58 -7.32 12.42 -8.39
CA SER B 58 -8.65 12.00 -8.87
C SER B 58 -8.93 12.31 -10.36
N PRO B 59 -8.19 11.67 -11.27
CA PRO B 59 -8.33 11.93 -12.70
C PRO B 59 -9.70 11.52 -13.23
N SER B 60 -10.21 12.30 -14.17
CA SER B 60 -11.42 11.96 -14.91
C SER B 60 -11.16 11.16 -16.17
N LEU B 61 -9.96 11.32 -16.71
CA LEU B 61 -9.58 10.61 -17.95
C LEU B 61 -8.15 10.10 -17.75
N VAL B 62 -8.03 8.78 -17.69
CA VAL B 62 -6.73 8.08 -17.54
C VAL B 62 -6.44 7.27 -18.83
N LEU B 63 -5.21 7.38 -19.34
CA LEU B 63 -4.71 6.51 -20.40
C LEU B 63 -3.68 5.51 -19.82
N GLU B 64 -3.89 4.23 -20.08
CA GLU B 64 -2.97 3.19 -19.67
C GLU B 64 -2.33 2.57 -20.91
N LEU B 65 -1.01 2.49 -20.90
CA LEU B 65 -0.30 1.87 -22.02
C LEU B 65 0.18 0.51 -21.55
N GLY B 66 -0.46 -0.53 -22.08
CA GLY B 66 -0.18 -1.91 -21.76
C GLY B 66 -1.17 -2.44 -20.74
N ALA B 67 -1.96 -3.42 -21.11
CA ALA B 67 -2.95 -3.97 -20.21
C ALA B 67 -2.50 -5.28 -19.54
N TYR B 68 -1.81 -6.12 -20.30
CA TYR B 68 -1.45 -7.46 -19.94
C TYR B 68 -2.68 -8.25 -19.45
N CYS B 69 -2.73 -8.62 -18.18
CA CYS B 69 -3.88 -9.35 -17.66
C CYS B 69 -4.97 -8.47 -17.05
N GLY B 70 -4.76 -7.15 -17.04
CA GLY B 70 -5.76 -6.26 -16.48
C GLY B 70 -5.59 -5.85 -15.03
N TYR B 71 -4.53 -6.31 -14.36
CA TYR B 71 -4.26 -5.96 -12.96
C TYR B 71 -4.29 -4.45 -12.73
N SER B 72 -3.58 -3.70 -13.58
CA SER B 72 -3.49 -2.24 -13.44
C SER B 72 -4.81 -1.55 -13.75
N ALA B 73 -5.52 -2.04 -14.75
CA ALA B 73 -6.80 -1.48 -15.12
C ALA B 73 -7.80 -1.67 -13.97
N VAL B 74 -7.78 -2.86 -13.36
CA VAL B 74 -8.63 -3.15 -12.22
C VAL B 74 -8.22 -2.25 -11.06
N ARG B 75 -6.91 -2.14 -10.82
CA ARG B 75 -6.41 -1.35 -9.69
C ARG B 75 -6.82 0.12 -9.78
N MET B 76 -6.69 0.71 -10.96
CA MET B 76 -6.95 2.12 -11.12
C MET B 76 -8.43 2.38 -11.23
N ALA B 77 -9.12 1.56 -12.02
CA ALA B 77 -10.53 1.81 -12.29
C ALA B 77 -11.39 1.71 -11.03
N ARG B 78 -10.98 0.91 -10.05
CA ARG B 78 -11.75 0.75 -8.80
C ARG B 78 -11.74 2.01 -7.89
N LEU B 79 -10.80 2.92 -8.14
CA LEU B 79 -10.70 4.17 -7.37
C LEU B 79 -11.09 5.41 -8.16
N LEU B 80 -11.48 5.21 -9.42
CA LEU B 80 -12.03 6.28 -10.20
C LEU B 80 -13.43 6.68 -9.70
N GLN B 81 -13.66 8.00 -9.68
CA GLN B 81 -14.94 8.57 -9.28
CA GLN B 81 -14.94 8.60 -9.31
C GLN B 81 -16.01 8.29 -10.36
N PRO B 82 -17.29 8.42 -9.98
CA PRO B 82 -18.31 8.14 -10.99
C PRO B 82 -18.20 9.07 -12.21
N GLY B 83 -18.37 8.51 -13.40
CA GLY B 83 -18.26 9.28 -14.65
C GLY B 83 -16.87 9.30 -15.25
N ALA B 84 -15.87 8.98 -14.43
CA ALA B 84 -14.48 8.96 -14.88
C ALA B 84 -14.26 7.73 -15.77
N ARG B 85 -13.27 7.84 -16.66
CA ARG B 85 -13.04 6.82 -17.68
C ARG B 85 -11.56 6.46 -17.75
N LEU B 86 -11.27 5.18 -17.90
CA LEU B 86 -9.91 4.69 -18.20
C LEU B 86 -9.90 4.16 -19.63
N LEU B 87 -8.89 4.55 -20.41
CA LEU B 87 -8.71 4.07 -21.76
C LEU B 87 -7.42 3.26 -21.71
N THR B 88 -7.47 1.97 -22.08
CA THR B 88 -6.29 1.09 -21.98
C THR B 88 -5.94 0.47 -23.34
N MET B 89 -4.70 0.73 -23.74
CA MET B 89 -4.18 0.34 -25.04
C MET B 89 -3.39 -0.94 -24.87
N GLU B 90 -3.78 -1.95 -25.67
CA GLU B 90 -3.15 -3.24 -25.63
C GLU B 90 -3.13 -3.81 -27.07
N MET B 91 -1.92 -4.12 -27.53
CA MET B 91 -1.71 -4.58 -28.90
CA MET B 91 -1.69 -4.58 -28.90
C MET B 91 -1.87 -6.09 -29.10
N ASN B 92 -1.79 -6.84 -28.01
CA ASN B 92 -1.92 -8.29 -28.03
C ASN B 92 -3.41 -8.65 -27.80
N PRO B 93 -4.08 -9.22 -28.81
CA PRO B 93 -5.52 -9.54 -28.67
C PRO B 93 -5.84 -10.56 -27.60
N ASP B 94 -4.93 -11.49 -27.34
CA ASP B 94 -5.20 -12.47 -26.31
C ASP B 94 -5.12 -11.83 -24.92
N TYR B 95 -4.15 -10.94 -24.72
CA TYR B 95 -4.07 -10.25 -23.43
C TYR B 95 -5.27 -9.30 -23.30
N ALA B 96 -5.58 -8.62 -24.39
CA ALA B 96 -6.73 -7.71 -24.41
C ALA B 96 -8.02 -8.45 -24.04
N ALA B 97 -8.19 -9.67 -24.57
CA ALA B 97 -9.36 -10.53 -24.24
C ALA B 97 -9.39 -10.94 -22.73
N ILE B 98 -8.23 -11.24 -22.19
CA ILE B 98 -8.14 -11.61 -20.77
C ILE B 98 -8.46 -10.42 -19.87
N THR B 99 -7.94 -9.26 -20.26
CA THR B 99 -8.22 -8.04 -19.53
C THR B 99 -9.74 -7.77 -19.53
N GLN B 100 -10.39 -7.93 -20.67
CA GLN B 100 -11.81 -7.67 -20.70
C GLN B 100 -12.52 -8.60 -19.74
N GLN B 101 -12.13 -9.88 -19.70
CA GLN B 101 -12.80 -10.83 -18.84
C GLN B 101 -12.53 -10.41 -17.42
N MET B 102 -11.31 -9.97 -17.16
CA MET B 102 -10.95 -9.58 -15.80
C MET B 102 -11.83 -8.42 -15.34
N LEU B 103 -11.98 -7.42 -16.20
CA LEU B 103 -12.76 -6.23 -15.89
C LEU B 103 -14.26 -6.54 -15.74
N ASN B 104 -14.78 -7.38 -16.66
CA ASN B 104 -16.16 -7.84 -16.57
C ASN B 104 -16.38 -8.53 -15.25
N PHE B 105 -15.50 -9.46 -14.91
CA PHE B 105 -15.63 -10.16 -13.64
C PHE B 105 -15.61 -9.22 -12.42
N ALA B 106 -14.82 -8.15 -12.50
CA ALA B 106 -14.65 -7.21 -11.42
C ALA B 106 -15.81 -6.24 -11.31
N GLY B 107 -16.72 -6.24 -12.29
CA GLY B 107 -17.79 -5.26 -12.39
C GLY B 107 -17.38 -3.87 -12.86
N LEU B 108 -16.27 -3.80 -13.58
CA LEU B 108 -15.66 -2.52 -14.02
C LEU B 108 -15.75 -2.29 -15.51
N GLN B 109 -16.49 -3.15 -16.21
CA GLN B 109 -16.59 -3.01 -17.66
C GLN B 109 -17.06 -1.63 -18.11
N ASP B 110 -17.87 -0.94 -17.30
CA ASP B 110 -18.42 0.35 -17.77
C ASP B 110 -17.47 1.53 -17.57
N LYS B 111 -16.40 1.30 -16.82
CA LYS B 111 -15.42 2.37 -16.53
C LYS B 111 -14.17 2.33 -17.40
N VAL B 112 -14.04 1.25 -18.17
CA VAL B 112 -12.80 0.98 -18.89
C VAL B 112 -13.10 0.73 -20.37
N THR B 113 -12.35 1.37 -21.26
CA THR B 113 -12.41 1.01 -22.67
C THR B 113 -11.09 0.47 -23.13
N ILE B 114 -11.07 -0.79 -23.60
CA ILE B 114 -9.89 -1.41 -24.13
C ILE B 114 -9.73 -1.03 -25.59
N LEU B 115 -8.62 -0.41 -25.92
CA LEU B 115 -8.33 -0.02 -27.29
C LEU B 115 -7.32 -1.04 -27.85
N ASN B 116 -7.74 -1.78 -28.88
CA ASN B 116 -6.95 -2.87 -29.45
C ASN B 116 -6.00 -2.31 -30.49
N GLY B 117 -4.71 -2.38 -30.22
CA GLY B 117 -3.70 -1.91 -31.13
C GLY B 117 -2.44 -1.44 -30.42
N ALA B 118 -1.52 -0.93 -31.22
CA ALA B 118 -0.23 -0.41 -30.77
C ALA B 118 -0.41 1.05 -30.42
N SER B 119 0.12 1.44 -29.28
CA SER B 119 0.06 2.81 -28.77
C SER B 119 0.41 3.83 -29.83
N GLN B 120 1.48 3.58 -30.58
CA GLN B 120 1.90 4.57 -31.57
C GLN B 120 0.88 4.73 -32.71
N ASP B 121 0.09 3.70 -32.98
CA ASP B 121 -1.02 3.84 -33.94
C ASP B 121 -2.30 4.46 -33.36
N LEU B 122 -2.61 4.10 -32.11
CA LEU B 122 -3.83 4.54 -31.45
C LEU B 122 -3.73 5.96 -30.87
N ILE B 123 -2.57 6.37 -30.33
CA ILE B 123 -2.43 7.73 -29.74
C ILE B 123 -2.86 8.87 -30.70
N PRO B 124 -2.43 8.84 -31.97
CA PRO B 124 -2.88 9.94 -32.84
C PRO B 124 -4.38 9.91 -33.23
N GLN B 125 -5.08 8.84 -32.92
CA GLN B 125 -6.52 8.77 -33.15
C GLN B 125 -7.32 9.17 -31.91
N LEU B 126 -6.67 9.39 -30.76
CA LEU B 126 -7.40 9.67 -29.51
C LEU B 126 -8.40 10.84 -29.56
N LYS B 127 -7.92 11.99 -30.01
CA LYS B 127 -8.78 13.17 -30.06
C LYS B 127 -9.99 12.98 -31.00
N LYS B 128 -9.73 12.53 -32.24
CA LYS B 128 -10.79 12.36 -33.25
C LYS B 128 -11.68 11.14 -33.01
N LYS B 129 -11.10 9.97 -32.79
CA LYS B 129 -11.92 8.77 -32.59
C LYS B 129 -12.52 8.62 -31.22
N TYR B 130 -11.80 9.01 -30.17
CA TYR B 130 -12.23 8.71 -28.79
C TYR B 130 -12.62 9.95 -28.01
N ASP B 131 -12.68 11.09 -28.68
CA ASP B 131 -13.23 12.30 -28.08
C ASP B 131 -12.40 12.83 -26.90
N VAL B 132 -11.10 12.77 -27.05
CA VAL B 132 -10.22 13.23 -25.98
C VAL B 132 -9.78 14.68 -26.31
N ASP B 133 -9.76 15.52 -25.28
CA ASP B 133 -9.08 16.81 -25.36
C ASP B 133 -7.65 16.65 -24.85
N THR B 134 -7.47 16.54 -23.54
CA THR B 134 -6.17 16.17 -22.94
C THR B 134 -6.42 15.14 -21.83
N LEU B 135 -5.39 14.39 -21.48
CA LEU B 135 -5.51 13.36 -20.50
C LEU B 135 -5.15 13.94 -19.14
N ASP B 136 -5.76 13.41 -18.09
CA ASP B 136 -5.42 13.84 -16.75
C ASP B 136 -4.21 13.10 -16.23
N MET B 137 -4.09 11.85 -16.67
CA MET B 137 -3.10 10.95 -16.17
C MET B 137 -2.79 9.86 -17.20
N VAL B 138 -1.52 9.46 -17.21
CA VAL B 138 -1.06 8.38 -18.11
C VAL B 138 -0.29 7.41 -17.28
N PHE B 139 -0.64 6.11 -17.34
CA PHE B 139 0.13 5.08 -16.70
C PHE B 139 0.88 4.32 -17.76
N LEU B 140 2.21 4.29 -17.66
CA LEU B 140 3.09 3.61 -18.62
C LEU B 140 3.56 2.30 -18.05
N ASP B 141 3.12 1.21 -18.70
CA ASP B 141 3.61 -0.13 -18.28
C ASP B 141 3.74 -1.14 -19.45
N HIS B 142 4.17 -0.65 -20.60
CA HIS B 142 4.20 -1.45 -21.80
C HIS B 142 5.68 -1.68 -22.06
N TRP B 143 6.08 -1.86 -23.31
CA TRP B 143 7.49 -2.13 -23.58
C TRP B 143 8.35 -0.96 -23.20
N LYS B 144 9.43 -1.22 -22.45
CA LYS B 144 10.15 -0.16 -21.80
C LYS B 144 10.84 0.80 -22.79
N ASP B 145 11.34 0.27 -23.89
CA ASP B 145 11.97 1.12 -24.88
C ASP B 145 10.96 1.99 -25.61
N ARG B 146 9.66 1.87 -25.27
CA ARG B 146 8.66 2.69 -25.89
C ARG B 146 8.14 3.84 -24.99
N TYR B 147 8.55 3.86 -23.73
CA TYR B 147 8.10 4.93 -22.84
C TYR B 147 8.50 6.30 -23.38
N LEU B 148 9.77 6.46 -23.73
CA LEU B 148 10.20 7.74 -24.26
C LEU B 148 9.50 8.11 -25.58
N PRO B 149 9.60 7.24 -26.61
CA PRO B 149 8.91 7.58 -27.86
C PRO B 149 7.42 7.91 -27.68
N ASP B 150 6.71 7.14 -26.87
CA ASP B 150 5.26 7.42 -26.66
C ASP B 150 4.99 8.72 -25.88
N THR B 151 5.89 9.08 -24.96
CA THR B 151 5.76 10.34 -24.24
C THR B 151 5.92 11.49 -25.21
N LEU B 152 6.88 11.38 -26.11
CA LEU B 152 7.11 12.39 -27.13
C LEU B 152 5.93 12.52 -28.10
N LEU B 153 5.29 11.37 -28.41
CA LEU B 153 4.13 11.30 -29.29
C LEU B 153 2.93 11.93 -28.63
N LEU B 154 2.72 11.65 -27.35
CA LEU B 154 1.65 12.29 -26.58
C LEU B 154 1.77 13.81 -26.61
N GLU B 155 2.98 14.33 -26.51
CA GLU B 155 3.25 15.79 -26.52
C GLU B 155 2.95 16.35 -27.89
N LYS B 156 3.49 15.69 -28.91
CA LYS B 156 3.26 16.02 -30.33
C LYS B 156 1.78 16.06 -30.68
N CYS B 157 1.00 15.11 -30.18
CA CYS B 157 -0.42 15.05 -30.46
C CYS B 157 -1.27 16.02 -29.63
N GLY B 158 -0.65 16.84 -28.81
CA GLY B 158 -1.40 17.75 -27.94
C GLY B 158 -2.23 17.10 -26.82
N LEU B 159 -1.85 15.92 -26.33
CA LEU B 159 -2.69 15.21 -25.39
C LEU B 159 -2.38 15.55 -23.94
N LEU B 160 -1.26 16.24 -23.70
CA LEU B 160 -0.87 16.62 -22.36
C LEU B 160 -1.16 18.11 -22.13
N ARG B 161 -1.69 18.37 -20.94
CA ARG B 161 -1.87 19.73 -20.43
C ARG B 161 -0.96 19.95 -19.22
N LYS B 162 -0.78 21.22 -18.84
CA LYS B 162 -0.09 21.53 -17.59
C LYS B 162 -0.85 20.79 -16.46
N GLY B 163 -0.12 19.97 -15.70
CA GLY B 163 -0.69 19.17 -14.60
C GLY B 163 -0.97 17.71 -14.92
N THR B 164 -0.95 17.34 -16.20
CA THR B 164 -1.15 15.93 -16.59
C THR B 164 -0.06 15.10 -15.91
N VAL B 165 -0.47 14.04 -15.24
CA VAL B 165 0.44 13.22 -14.46
C VAL B 165 0.78 11.99 -15.25
N LEU B 166 2.07 11.82 -15.53
CA LEU B 166 2.61 10.56 -16.09
C LEU B 166 3.11 9.74 -14.92
N LEU B 167 2.71 8.47 -14.85
CA LEU B 167 3.22 7.55 -13.84
C LEU B 167 3.76 6.30 -14.52
N ALA B 168 5.01 5.99 -14.27
CA ALA B 168 5.73 4.98 -15.04
C ALA B 168 6.23 3.84 -14.15
N ASP B 169 5.86 2.61 -14.51
CA ASP B 169 6.32 1.42 -13.85
C ASP B 169 7.74 1.07 -14.31
N ASN B 170 8.47 0.31 -13.50
CA ASN B 170 9.70 -0.33 -13.95
C ASN B 170 10.85 0.57 -14.35
N VAL B 171 10.86 1.80 -13.83
CA VAL B 171 11.91 2.75 -14.21
C VAL B 171 13.32 2.33 -13.69
N ILE B 172 13.36 1.46 -12.68
CA ILE B 172 14.64 0.86 -12.19
C ILE B 172 14.82 -0.59 -12.72
N VAL B 173 13.84 -1.47 -12.57
CA VAL B 173 13.91 -2.83 -13.10
C VAL B 173 12.61 -3.16 -13.88
N PRO B 174 12.71 -3.51 -15.18
CA PRO B 174 13.96 -3.62 -15.99
C PRO B 174 14.68 -2.33 -16.22
N GLY B 175 14.00 -1.19 -16.04
CA GLY B 175 14.64 0.13 -16.09
C GLY B 175 14.21 0.87 -17.35
N THR B 176 14.02 2.18 -17.23
CA THR B 176 13.74 3.01 -18.37
C THR B 176 14.72 4.17 -18.34
N PRO B 177 16.00 3.90 -18.63
CA PRO B 177 17.00 4.93 -18.43
C PRO B 177 16.77 6.14 -19.35
N ASP B 178 16.39 5.90 -20.59
CA ASP B 178 16.10 7.01 -21.53
C ASP B 178 14.90 7.89 -21.15
N PHE B 179 13.79 7.27 -20.76
CA PHE B 179 12.61 7.99 -20.26
C PHE B 179 12.99 8.86 -19.06
N LEU B 180 13.71 8.25 -18.13
CA LEU B 180 14.11 8.92 -16.90
C LEU B 180 15.02 10.12 -17.26
N ALA B 181 16.04 9.89 -18.08
CA ALA B 181 16.93 10.96 -18.52
C ALA B 181 16.11 12.09 -19.13
N TYR B 182 15.11 11.77 -19.92
CA TYR B 182 14.22 12.79 -20.51
C TYR B 182 13.33 13.55 -19.54
N VAL B 183 12.51 12.85 -18.73
CA VAL B 183 11.57 13.58 -17.90
C VAL B 183 12.30 14.34 -16.81
N ARG B 184 13.43 13.81 -16.33
CA ARG B 184 14.17 14.55 -15.29
C ARG B 184 14.91 15.74 -15.86
N GLY B 185 15.54 15.56 -17.01
CA GLY B 185 16.37 16.63 -17.63
C GLY B 185 15.55 17.72 -18.26
N SER B 186 14.36 17.35 -18.70
CA SER B 186 13.48 18.31 -19.37
C SER B 186 12.79 19.25 -18.41
N SER B 187 12.76 20.53 -18.79
CA SER B 187 12.00 21.55 -18.07
CA SER B 187 12.01 21.55 -18.06
C SER B 187 10.48 21.33 -18.13
N SER B 188 10.03 20.53 -19.09
CA SER B 188 8.63 20.28 -19.29
C SER B 188 7.99 19.33 -18.26
N PHE B 189 8.80 18.64 -17.44
CA PHE B 189 8.30 17.68 -16.45
C PHE B 189 8.92 17.94 -15.08
N GLU B 190 8.06 17.92 -14.05
CA GLU B 190 8.48 17.89 -12.63
C GLU B 190 8.27 16.47 -12.09
N CYS B 191 9.36 15.86 -11.67
CA CYS B 191 9.49 14.44 -11.37
C CYS B 191 9.66 14.09 -9.87
N THR B 192 9.01 12.99 -9.50
CA THR B 192 9.13 12.40 -8.17
C THR B 192 9.39 10.91 -8.35
N HIS B 193 10.37 10.40 -7.62
CA HIS B 193 10.65 8.99 -7.64
C HIS B 193 10.05 8.31 -6.39
N TYR B 194 9.40 7.18 -6.62
CA TYR B 194 8.81 6.34 -5.58
C TYR B 194 9.50 4.98 -5.57
N SER B 195 10.25 4.70 -4.49
CA SER B 195 11.06 3.51 -4.43
C SER B 195 10.20 2.39 -3.87
N SER B 196 10.32 1.21 -4.46
CA SER B 196 9.50 0.11 -4.01
C SER B 196 10.21 -1.18 -4.34
N TYR B 197 9.44 -2.19 -4.73
CA TYR B 197 9.98 -3.49 -5.04
C TYR B 197 9.36 -4.06 -6.30
N LEU B 198 10.13 -4.87 -7.03
CA LEU B 198 9.62 -5.60 -8.20
C LEU B 198 8.52 -6.49 -7.74
N GLU B 199 7.44 -6.55 -8.50
CA GLU B 199 6.29 -7.37 -8.18
C GLU B 199 6.66 -8.80 -7.66
N TYR B 200 6.16 -9.09 -6.47
CA TYR B 200 6.27 -10.40 -5.84
C TYR B 200 7.70 -10.76 -5.41
N MET B 201 8.59 -9.77 -5.40
CA MET B 201 10.00 -9.99 -5.08
C MET B 201 10.52 -8.88 -4.19
N LYS B 202 11.80 -8.96 -3.85
CA LYS B 202 12.44 -7.96 -3.04
C LYS B 202 13.63 -7.25 -3.79
N VAL B 203 13.77 -7.54 -5.08
CA VAL B 203 14.57 -6.71 -5.99
C VAL B 203 13.94 -5.32 -6.01
N VAL B 204 14.77 -4.30 -5.87
CA VAL B 204 14.33 -2.92 -5.81
C VAL B 204 13.88 -2.48 -7.21
N ASP B 205 12.73 -1.83 -7.26
CA ASP B 205 12.21 -1.20 -8.47
C ASP B 205 11.50 0.05 -7.95
N GLY B 206 11.03 0.88 -8.84
CA GLY B 206 10.28 2.05 -8.45
C GLY B 206 9.48 2.60 -9.58
N LEU B 207 8.63 3.57 -9.21
CA LEU B 207 7.82 4.31 -10.15
CA LEU B 207 7.87 4.29 -10.19
C LEU B 207 8.35 5.72 -10.25
N GLU B 208 8.22 6.31 -11.43
CA GLU B 208 8.49 7.71 -11.57
C GLU B 208 7.17 8.44 -11.82
N LYS B 209 6.88 9.46 -11.04
CA LYS B 209 5.80 10.37 -11.38
C LYS B 209 6.40 11.63 -12.08
N ALA B 210 5.93 11.93 -13.28
CA ALA B 210 6.46 13.03 -14.11
C ALA B 210 5.25 13.87 -14.50
N ILE B 211 5.13 15.10 -13.96
CA ILE B 211 3.94 15.94 -14.13
C ILE B 211 4.26 16.96 -15.21
N TYR B 212 3.51 16.94 -16.31
CA TYR B 212 3.79 17.85 -17.43
C TYR B 212 3.53 19.30 -17.04
N GLN B 213 4.42 20.19 -17.48
CA GLN B 213 4.33 21.62 -17.17
C GLN B 213 3.82 22.48 -18.32
N GLY B 214 3.80 21.93 -19.53
CA GLY B 214 3.58 22.74 -20.76
C GLY B 214 4.87 22.79 -21.54
N PRO B 215 4.86 23.41 -22.74
CA PRO B 215 6.09 23.48 -23.56
C PRO B 215 7.15 24.45 -23.02
F30 705 C . 3.78 -19.64 18.31
C29 705 C . 3.59 -18.30 18.41
C26 705 C . 4.20 -17.63 19.47
C25 705 C . 4.04 -16.23 19.61
C28 705 C . 2.80 -17.67 17.45
C27 705 C . 2.62 -16.29 17.60
C24 705 C . 3.23 -15.56 18.67
C22 705 C . 3.02 -14.11 18.72
C21 705 C . 2.84 -13.46 19.95
C23 705 C . 2.98 -13.36 17.50
C33 705 C . 2.77 -11.99 17.56
O34 705 C . 2.75 -11.21 16.42
C31 705 C . 2.58 -11.35 18.81
O32 705 C . 2.36 -10.02 18.80
C20 705 C . 2.60 -12.09 20.00
C18 705 C . 2.45 -11.53 21.34
O19 705 C . 2.24 -12.21 22.37
N17 705 C . 2.60 -10.20 21.52
C16 705 C . 2.46 -9.56 22.85
C15 705 C . 3.14 -8.23 22.72
C14 705 C . 3.70 -7.61 23.78
C6 705 C . 4.40 -6.30 23.64
C4 705 C . 5.64 -6.31 24.53
O5 705 C . 6.57 -5.31 24.06
C2 705 C . 5.00 -6.01 25.90
O3 705 C . 5.91 -5.40 26.78
O13 705 C . 3.56 -5.29 24.17
C1 705 C . 3.99 -4.96 25.52
N10 705 C . 2.76 -4.91 26.31
C9 705 C . 1.91 -5.99 26.62
C11 705 C . 2.10 -3.79 26.79
N40 705 C . 2.49 -2.50 26.72
C39 705 C . 1.67 -1.61 27.27
N38 705 C . 0.50 -1.94 27.87
C35 705 C . 0.12 -3.22 27.93
C12 705 C . 0.95 -4.23 27.38
N8 705 C . 0.86 -5.58 27.27
N7 705 C . -1.07 -3.45 28.59
C36 705 C . -1.53 -4.82 28.87
C37 705 C . -0.90 -5.08 30.26
C41 705 C . -1.74 -6.15 30.99
MG MG D . 1.84 -9.38 16.85
CL CL E . 7.04 -11.94 7.09
C1 BTB F . 12.25 -19.63 10.40
O1 BTB F . 12.69 -21.00 10.51
C2 BTB F . 12.65 -18.84 11.62
C3 BTB F . 11.84 -19.33 12.82
O3 BTB F . 12.31 -20.64 13.11
C4 BTB F . 12.26 -17.38 11.37
O4 BTB F . 12.59 -16.61 12.51
N BTB F . 14.13 -19.03 11.84
C5 BTB F . 15.01 -18.47 10.78
C6 BTB F . 15.54 -19.61 9.93
O6 BTB F . 16.60 -20.26 10.61
C7 BTB F . 14.63 -18.63 13.20
C8 BTB F . 15.72 -19.60 13.70
O8 BTB F . 15.13 -20.89 13.90
F30 705 G . 13.29 -10.52 -14.55
C29 705 G . 12.28 -9.68 -14.87
C26 705 G . 11.46 -10.03 -15.96
C25 705 G . 10.44 -9.15 -16.29
C28 705 G . 12.13 -8.52 -14.15
C27 705 G . 11.10 -7.63 -14.49
C24 705 G . 10.28 -7.95 -15.58
C22 705 G . 9.19 -7.04 -15.93
C21 705 G . 8.91 -6.75 -17.27
C23 705 G . 8.42 -6.47 -14.91
C33 705 G . 7.36 -5.64 -15.27
O34 705 G . 6.62 -5.03 -14.31
C31 705 G . 7.11 -5.32 -16.61
O32 705 G . 6.07 -4.47 -16.86
C20 705 G . 7.90 -5.89 -17.64
C18 705 G . 7.70 -5.67 -19.07
O19 705 G . 8.54 -5.99 -19.95
N17 705 G . 6.48 -5.20 -19.46
C16 705 G . 6.18 -4.97 -20.89
C15 705 G . 4.69 -4.83 -21.02
C14 705 G . 4.00 -5.47 -21.98
C6 705 G . 2.48 -5.32 -22.06
C4 705 G . 1.86 -6.52 -22.79
O5 705 G . 0.48 -6.63 -22.44
C2 705 G . 2.10 -6.08 -24.23
O3 705 G . 1.27 -6.77 -25.15
O13 705 G . 2.14 -4.18 -22.86
C1 705 G . 1.68 -4.63 -24.17
N10 705 G . 2.31 -3.73 -25.13
C9 705 G . 3.68 -3.56 -25.37
C11 705 G . 1.72 -2.69 -25.87
N40 705 G . 0.42 -2.41 -26.01
C39 705 G . 0.14 -1.36 -26.78
N38 705 G . 1.04 -0.61 -27.46
C35 705 G . 2.35 -0.95 -27.35
C12 705 G . 2.73 -2.03 -26.53
N8 705 G . 3.95 -2.61 -26.19
N7 705 G . 3.25 -0.18 -28.11
C36 705 G . 4.68 -0.55 -28.30
C37 705 G . 4.90 -1.11 -29.74
C41 705 G . 4.04 -2.33 -30.04
MG MG H . 5.50 -3.35 -15.12
#